data_8VTD
#
_entry.id   8VTD
#
_cell.length_a   41.775
_cell.length_b   105.996
_cell.length_c   71.758
_cell.angle_alpha   90.00
_cell.angle_beta   104.40
_cell.angle_gamma   90.00
#
_symmetry.space_group_name_H-M   'P 1 21 1'
#
loop_
_entity.id
_entity.type
_entity.pdbx_description
1 polymer 'Vibostolimab Fab Light chain'
2 polymer 'Vibostolimab Fab Heavy chain'
3 polymer 'T-cell immunoreceptor with Ig and ITIM domains'
4 non-polymer GLYCEROL
5 water water
#
loop_
_entity_poly.entity_id
_entity_poly.type
_entity_poly.pdbx_seq_one_letter_code
_entity_poly.pdbx_strand_id
1 'polypeptide(L)'
;DIQMTQSPSSLSASVGDRVTITCRASEHIYSYLSWYQQKPGKVPKLLIYNAKTLAEGVPSRFSGSGSGTDFTLTISSLQP
EDVATYYCQHHFGSPLTFGQGTRLEIKRTVAAPSVFIFPPSDEQLKSGTASVVCLLNNFYPREAKVQWKVDNALQSGNSQ
ESVTEQDSKDSTYSLSSTLTLSKADYEKHKVYACEVTHQGLSSPVTKSFNRGEC
;
A
2 'polypeptide(L)'
;EVQLVQSGAEVKKPGSSVKVSCKASGYTFSSYVMHWVRQAPGQGLEWIGYIDPYNDGAKYAQKFQGRVTLTSDKSTSTAY
MELSSLRSEDTAVYYCARGGPYGWYFDVWGQGTTVTVSSASTKGPSVFPLAPSSKSTSGGTAALGCLVKDYFPEPVTVSW
NSGALTSGVHTFPAVLQSSGLYSLSSVVTVPSSSLGTQTYICNVNHKPSNTKVDKKVEPKS
;
B
3 'polypeptide(L)'
;MMTGTIETTGNISAEKGGSIILQCHLSSTTAQVTQVNWEQQDQLLAICNADLGWHISPSFKDRVAPGPGLGLTLQSLTVN
DTGEYFCIYHTYPDGTYTGRIFLEVLESSVAEHGARHHHHHH
;
C
#
loop_
_chem_comp.id
_chem_comp.type
_chem_comp.name
_chem_comp.formula
GOL non-polymer GLYCEROL 'C3 H8 O3'
#
# COMPACT_ATOMS: atom_id res chain seq x y z
N ASP A 1 -2.63 -18.05 13.55
CA ASP A 1 -2.53 -17.32 12.28
C ASP A 1 -1.23 -17.66 11.59
N ILE A 2 -1.25 -17.65 10.27
CA ILE A 2 -0.07 -17.98 9.47
C ILE A 2 0.73 -16.71 9.30
N GLN A 3 1.99 -16.72 9.69
CA GLN A 3 2.88 -15.56 9.60
C GLN A 3 3.73 -15.69 8.36
N MET A 4 3.92 -14.59 7.62
CA MET A 4 4.71 -14.54 6.40
C MET A 4 5.94 -13.68 6.63
N THR A 5 7.15 -14.24 6.44
CA THR A 5 8.39 -13.50 6.66
C THR A 5 9.06 -13.30 5.31
N GLN A 6 9.22 -12.05 4.88
CA GLN A 6 9.83 -11.73 3.60
C GLN A 6 11.26 -11.29 3.81
N SER A 7 12.12 -11.64 2.88
CA SER A 7 13.50 -11.19 2.94
C SER A 7 14.01 -10.94 1.52
N PRO A 8 14.88 -9.94 1.34
CA PRO A 8 15.33 -8.96 2.31
C PRO A 8 14.26 -7.88 2.50
N SER A 9 14.38 -7.04 3.50
CA SER A 9 13.42 -5.94 3.67
C SER A 9 13.63 -4.85 2.60
N SER A 10 14.89 -4.68 2.14
CA SER A 10 15.22 -3.74 1.08
C SER A 10 16.31 -4.32 0.20
N LEU A 11 16.30 -3.93 -1.07
CA LEU A 11 17.26 -4.39 -2.05
C LEU A 11 17.59 -3.25 -3.00
N SER A 12 18.89 -3.06 -3.27
CA SER A 12 19.41 -2.07 -4.20
C SER A 12 19.95 -2.86 -5.37
N ALA A 13 19.49 -2.58 -6.59
CA ALA A 13 19.92 -3.33 -7.77
C ALA A 13 20.11 -2.42 -8.96
N SER A 14 20.81 -2.89 -9.98
CA SER A 14 21.02 -2.13 -11.20
C SER A 14 20.08 -2.65 -12.27
N VAL A 15 19.78 -1.77 -13.24
CA VAL A 15 18.97 -2.13 -14.39
C VAL A 15 19.71 -3.28 -15.12
N GLY A 16 19.00 -4.38 -15.37
CA GLY A 16 19.56 -5.57 -15.99
C GLY A 16 19.93 -6.66 -15.02
N ASP A 17 19.89 -6.40 -13.68
CA ASP A 17 20.24 -7.43 -12.72
C ASP A 17 19.12 -8.44 -12.54
N ARG A 18 19.51 -9.62 -12.04
CA ARG A 18 18.59 -10.70 -11.66
C ARG A 18 18.28 -10.38 -10.21
N VAL A 19 16.99 -10.29 -9.85
CA VAL A 19 16.58 -9.99 -8.48
C VAL A 19 15.81 -11.18 -7.92
N THR A 20 16.10 -11.57 -6.67
CA THR A 20 15.40 -12.67 -5.98
C THR A 20 14.86 -12.17 -4.63
N ILE A 21 13.56 -12.37 -4.38
CA ILE A 21 12.92 -11.98 -3.13
C ILE A 21 12.32 -13.26 -2.57
N THR A 22 12.43 -13.51 -1.26
CA THR A 22 11.90 -14.75 -0.71
C THR A 22 10.84 -14.48 0.32
N CYS A 23 9.98 -15.47 0.52
CA CYS A 23 8.89 -15.38 1.45
C CYS A 23 8.76 -16.73 2.14
N ARG A 24 8.71 -16.77 3.47
CA ARG A 24 8.60 -18.01 4.23
C ARG A 24 7.30 -17.97 5.04
N ALA A 25 6.49 -19.03 4.97
CA ALA A 25 5.25 -19.11 5.73
C ALA A 25 5.48 -19.97 6.99
N SER A 26 4.78 -19.64 8.08
CA SER A 26 4.93 -20.42 9.31
C SER A 26 4.20 -21.77 9.30
N GLU A 27 3.38 -22.03 8.27
CA GLU A 27 2.71 -23.30 8.09
C GLU A 27 2.87 -23.66 6.63
N HIS A 28 2.71 -24.95 6.32
CA HIS A 28 2.74 -25.42 4.96
C HIS A 28 1.46 -24.94 4.26
N ILE A 29 1.62 -24.13 3.21
CA ILE A 29 0.50 -23.52 2.49
C ILE A 29 0.44 -24.02 1.05
N TYR A 30 1.11 -25.13 0.75
CA TYR A 30 1.04 -25.78 -0.56
C TYR A 30 1.46 -24.76 -1.64
N SER A 31 0.62 -24.45 -2.66
CA SER A 31 0.99 -23.42 -3.64
C SER A 31 0.11 -22.20 -3.48
N TYR A 32 -0.52 -22.00 -2.30
CA TYR A 32 -1.46 -20.88 -2.12
C TYR A 32 -0.79 -19.61 -1.60
N LEU A 33 0.01 -19.04 -2.51
CA LEU A 33 0.79 -17.85 -2.23
C LEU A 33 0.71 -16.95 -3.47
N SER A 34 0.46 -15.65 -3.26
CA SER A 34 0.45 -14.68 -4.34
C SER A 34 1.39 -13.55 -4.06
N TRP A 35 1.83 -12.89 -5.13
CA TRP A 35 2.79 -11.77 -5.06
C TRP A 35 2.16 -10.49 -5.66
N TYR A 36 2.41 -9.33 -5.01
CA TYR A 36 1.90 -8.03 -5.45
C TYR A 36 3.03 -7.06 -5.59
N GLN A 37 2.82 -6.08 -6.49
CA GLN A 37 3.75 -4.99 -6.68
C GLN A 37 3.03 -3.73 -6.29
N GLN A 38 3.67 -2.86 -5.51
CA GLN A 38 3.07 -1.57 -5.21
C GLN A 38 4.09 -0.47 -5.46
N LYS A 39 3.88 0.34 -6.52
CA LYS A 39 4.81 1.46 -6.78
C LYS A 39 4.52 2.59 -5.76
N PRO A 40 5.47 3.50 -5.43
CA PRO A 40 5.19 4.48 -4.37
C PRO A 40 3.99 5.37 -4.64
N GLY A 41 3.10 5.46 -3.67
CA GLY A 41 1.89 6.26 -3.81
C GLY A 41 0.85 5.68 -4.76
N LYS A 42 1.05 4.41 -5.24
CA LYS A 42 0.13 3.79 -6.20
C LYS A 42 -0.60 2.64 -5.53
N VAL A 43 -1.51 2.01 -6.26
CA VAL A 43 -2.32 0.93 -5.74
C VAL A 43 -1.57 -0.41 -5.93
N PRO A 44 -1.72 -1.40 -5.03
CA PRO A 44 -1.09 -2.70 -5.27
C PRO A 44 -1.65 -3.36 -6.54
N LYS A 45 -0.82 -4.19 -7.16
CA LYS A 45 -1.18 -4.90 -8.37
C LYS A 45 -0.79 -6.37 -8.22
N LEU A 46 -1.66 -7.29 -8.62
CA LEU A 46 -1.31 -8.71 -8.59
C LEU A 46 -0.30 -9.02 -9.69
N LEU A 47 0.77 -9.71 -9.31
CA LEU A 47 1.77 -10.17 -10.27
C LEU A 47 1.64 -11.67 -10.54
N ILE A 48 1.55 -12.48 -9.45
CA ILE A 48 1.58 -13.93 -9.56
C ILE A 48 0.58 -14.48 -8.57
N TYR A 49 -0.16 -15.52 -8.93
CA TYR A 49 -1.04 -16.20 -7.98
C TYR A 49 -0.74 -17.69 -8.01
N ASN A 50 -1.14 -18.41 -6.96
CA ASN A 50 -0.87 -19.84 -6.89
C ASN A 50 0.61 -20.15 -7.08
N ALA A 51 1.46 -19.31 -6.46
CA ALA A 51 2.92 -19.40 -6.37
C ALA A 51 3.67 -19.17 -7.67
N LYS A 52 3.12 -19.58 -8.83
CA LYS A 52 3.84 -19.50 -10.09
C LYS A 52 3.04 -19.05 -11.27
N THR A 53 1.71 -18.79 -11.12
CA THR A 53 0.94 -18.42 -12.29
C THR A 53 0.99 -16.92 -12.51
N LEU A 54 1.49 -16.46 -13.66
CA LEU A 54 1.55 -15.02 -13.93
C LEU A 54 0.16 -14.48 -14.17
N ALA A 55 -0.12 -13.29 -13.61
CA ALA A 55 -1.40 -12.63 -13.83
C ALA A 55 -1.42 -12.05 -15.23
N GLU A 56 -2.62 -11.78 -15.74
CA GLU A 56 -2.78 -11.27 -17.11
C GLU A 56 -2.01 -9.97 -17.36
N GLY A 57 -1.26 -9.93 -18.46
CA GLY A 57 -0.48 -8.75 -18.85
C GLY A 57 0.86 -8.56 -18.17
N VAL A 58 1.21 -9.39 -17.15
CA VAL A 58 2.48 -9.23 -16.44
C VAL A 58 3.61 -9.78 -17.32
N PRO A 59 4.73 -9.04 -17.48
CA PRO A 59 5.77 -9.55 -18.39
C PRO A 59 6.49 -10.79 -17.90
N SER A 60 7.01 -11.56 -18.85
CA SER A 60 7.72 -12.83 -18.63
C SER A 60 8.95 -12.71 -17.73
N ARG A 61 9.55 -11.50 -17.58
CA ARG A 61 10.71 -11.35 -16.70
C ARG A 61 10.36 -11.63 -15.22
N PHE A 62 9.06 -11.60 -14.83
CA PHE A 62 8.64 -11.95 -13.47
C PHE A 62 8.32 -13.43 -13.44
N SER A 63 8.80 -14.16 -12.41
CA SER A 63 8.42 -15.56 -12.27
C SER A 63 8.36 -15.88 -10.79
N GLY A 64 7.53 -16.84 -10.43
CA GLY A 64 7.39 -17.27 -9.05
C GLY A 64 7.71 -18.73 -8.94
N SER A 65 8.26 -19.16 -7.81
CA SER A 65 8.53 -20.56 -7.59
C SER A 65 8.40 -20.89 -6.13
N GLY A 66 8.49 -22.17 -5.82
CA GLY A 66 8.40 -22.69 -4.47
C GLY A 66 7.07 -23.34 -4.16
N SER A 67 7.02 -24.01 -3.04
CA SER A 67 5.80 -24.65 -2.55
C SER A 67 6.03 -24.99 -1.09
N GLY A 68 4.96 -25.21 -0.35
CA GLY A 68 5.07 -25.62 1.04
C GLY A 68 5.25 -24.43 1.94
N THR A 69 6.49 -24.15 2.37
CA THR A 69 6.73 -22.99 3.22
C THR A 69 7.65 -21.95 2.61
N ASP A 70 8.40 -22.22 1.54
CA ASP A 70 9.43 -21.30 1.02
C ASP A 70 9.15 -20.95 -0.41
N PHE A 71 9.05 -19.66 -0.70
CA PHE A 71 8.65 -19.17 -2.02
C PHE A 71 9.58 -18.07 -2.47
N THR A 72 9.72 -17.91 -3.77
CA THR A 72 10.62 -16.93 -4.32
C THR A 72 9.94 -16.19 -5.47
N LEU A 73 10.17 -14.90 -5.54
CA LEU A 73 9.78 -14.09 -6.68
C LEU A 73 11.09 -13.71 -7.35
N THR A 74 11.20 -13.96 -8.65
CA THR A 74 12.40 -13.60 -9.39
C THR A 74 12.07 -12.57 -10.47
N ILE A 75 12.95 -11.55 -10.66
CA ILE A 75 12.86 -10.63 -11.80
C ILE A 75 14.16 -10.97 -12.59
N SER A 76 14.02 -11.58 -13.78
CA SER A 76 15.19 -12.06 -14.54
C SER A 76 16.14 -10.94 -14.96
N SER A 77 15.57 -9.77 -15.34
CA SER A 77 16.35 -8.62 -15.79
C SER A 77 15.60 -7.34 -15.36
N LEU A 78 16.07 -6.72 -14.28
CA LEU A 78 15.41 -5.55 -13.71
C LEU A 78 15.26 -4.36 -14.66
N GLN A 79 14.04 -3.80 -14.73
CA GLN A 79 13.78 -2.61 -15.56
C GLN A 79 13.46 -1.41 -14.65
N PRO A 80 13.63 -0.15 -15.10
CA PRO A 80 13.37 1.01 -14.21
C PRO A 80 11.95 1.07 -13.65
N GLU A 81 10.97 0.62 -14.44
CA GLU A 81 9.56 0.59 -13.99
C GLU A 81 9.31 -0.45 -12.89
N ASP A 82 10.30 -1.32 -12.57
CA ASP A 82 10.14 -2.35 -11.53
C ASP A 82 10.44 -1.84 -10.12
N VAL A 83 10.86 -0.57 -9.95
CA VAL A 83 11.10 0.08 -8.65
C VAL A 83 9.76 0.13 -7.94
N ALA A 84 9.64 -0.61 -6.83
CA ALA A 84 8.37 -0.75 -6.12
C ALA A 84 8.64 -1.49 -4.83
N THR A 85 7.59 -1.66 -4.03
CA THR A 85 7.63 -2.54 -2.88
C THR A 85 6.85 -3.78 -3.29
N TYR A 86 7.38 -4.97 -3.00
CA TYR A 86 6.75 -6.23 -3.37
C TYR A 86 6.27 -6.92 -2.13
N TYR A 87 5.08 -7.53 -2.16
CA TYR A 87 4.51 -8.22 -1.01
C TYR A 87 4.12 -9.63 -1.38
N CYS A 88 4.35 -10.60 -0.48
CA CYS A 88 3.74 -11.90 -0.67
C CYS A 88 2.49 -11.96 0.21
N GLN A 89 1.61 -12.92 -0.09
CA GLN A 89 0.38 -13.09 0.67
C GLN A 89 -0.02 -14.55 0.63
N HIS A 90 -0.26 -15.21 1.80
CA HIS A 90 -0.80 -16.56 1.72
C HIS A 90 -2.30 -16.49 1.53
N HIS A 91 -2.86 -17.57 0.99
CA HIS A 91 -4.30 -17.71 0.95
C HIS A 91 -4.69 -19.10 1.33
N PHE A 92 -4.29 -19.50 2.58
CA PHE A 92 -4.60 -20.85 3.07
C PHE A 92 -5.29 -20.90 4.42
N GLY A 93 -5.73 -19.77 4.90
CA GLY A 93 -6.47 -19.73 6.16
C GLY A 93 -6.84 -18.30 6.46
N SER A 94 -7.55 -18.11 7.59
CA SER A 94 -7.95 -16.79 8.02
C SER A 94 -7.13 -16.42 9.26
N PRO A 95 -6.61 -15.22 9.33
CA PRO A 95 -6.73 -14.13 8.35
C PRO A 95 -5.77 -14.36 7.18
N LEU A 96 -6.13 -13.82 6.03
CA LEU A 96 -5.23 -13.76 4.89
C LEU A 96 -4.16 -12.74 5.31
N THR A 97 -2.85 -13.09 5.28
CA THR A 97 -1.82 -12.19 5.75
C THR A 97 -0.77 -12.02 4.71
N PHE A 98 -0.13 -10.87 4.77
CA PHE A 98 0.92 -10.44 3.85
C PHE A 98 2.26 -10.44 4.56
N GLY A 99 3.33 -10.60 3.78
CA GLY A 99 4.66 -10.38 4.30
C GLY A 99 4.86 -8.88 4.50
N GLN A 100 5.96 -8.52 5.16
CA GLN A 100 6.18 -7.12 5.50
C GLN A 100 6.65 -6.24 4.31
N GLY A 101 6.96 -6.87 3.19
CA GLY A 101 7.34 -6.22 1.95
C GLY A 101 8.83 -6.11 1.76
N THR A 102 9.23 -6.00 0.48
CA THR A 102 10.62 -5.79 0.08
C THR A 102 10.63 -4.54 -0.79
N ARG A 103 11.32 -3.48 -0.34
CA ARG A 103 11.44 -2.24 -1.06
C ARG A 103 12.62 -2.35 -2.03
N LEU A 104 12.38 -2.20 -3.34
CA LEU A 104 13.41 -2.27 -4.36
C LEU A 104 13.75 -0.85 -4.81
N GLU A 105 15.03 -0.53 -4.84
CA GLU A 105 15.48 0.77 -5.35
C GLU A 105 16.59 0.50 -6.38
N ILE A 106 16.95 1.51 -7.17
CA ILE A 106 18.06 1.46 -8.11
C ILE A 106 19.33 1.85 -7.42
N LYS A 107 20.40 1.09 -7.67
CA LYS A 107 21.71 1.37 -7.11
C LYS A 107 22.37 2.40 -8.03
N ARG A 108 23.13 3.31 -7.45
CA ARG A 108 23.89 4.30 -8.22
C ARG A 108 25.12 4.67 -7.42
N THR A 109 26.03 5.49 -7.99
CA THR A 109 27.20 5.88 -7.23
C THR A 109 26.82 6.76 -6.04
N VAL A 110 27.71 6.82 -5.06
CA VAL A 110 27.49 7.65 -3.88
C VAL A 110 27.46 9.13 -4.30
N ALA A 111 26.48 9.88 -3.79
CA ALA A 111 26.35 11.30 -4.11
C ALA A 111 26.12 12.02 -2.80
N ALA A 112 26.98 13.00 -2.51
CA ALA A 112 26.80 13.78 -1.28
C ALA A 112 25.62 14.74 -1.45
N PRO A 113 24.90 15.05 -0.38
CA PRO A 113 23.85 16.08 -0.48
C PRO A 113 24.43 17.49 -0.54
N SER A 114 23.70 18.42 -1.20
CA SER A 114 23.93 19.85 -1.03
C SER A 114 23.01 20.20 0.15
N VAL A 115 23.49 21.01 1.07
CA VAL A 115 22.78 21.32 2.31
C VAL A 115 22.44 22.78 2.38
N PHE A 116 21.20 23.09 2.83
CA PHE A 116 20.72 24.46 2.95
C PHE A 116 19.96 24.63 4.22
N ILE A 117 20.22 25.71 4.96
CA ILE A 117 19.46 25.97 6.18
C ILE A 117 18.63 27.22 5.95
N PHE A 118 17.39 27.19 6.46
CA PHE A 118 16.49 28.32 6.33
C PHE A 118 16.03 28.82 7.69
N PRO A 119 16.23 30.09 8.03
CA PRO A 119 15.69 30.58 9.28
C PRO A 119 14.15 30.68 9.17
N PRO A 120 13.50 30.83 10.33
CA PRO A 120 12.05 31.08 10.32
C PRO A 120 11.77 32.46 9.70
N SER A 121 10.62 32.57 9.03
CA SER A 121 10.18 33.84 8.45
C SER A 121 9.72 34.78 9.58
N ASP A 122 9.88 36.08 9.40
CA ASP A 122 9.39 37.05 10.39
C ASP A 122 7.85 36.92 10.57
N GLU A 123 7.13 36.58 9.51
CA GLU A 123 5.67 36.40 9.59
C GLU A 123 5.29 35.22 10.50
N GLN A 124 6.05 34.11 10.45
CA GLN A 124 5.77 33.01 11.35
C GLN A 124 6.09 33.40 12.81
N LEU A 125 7.21 34.11 13.04
CA LEU A 125 7.60 34.49 14.40
C LEU A 125 6.52 35.30 15.10
N LYS A 126 5.79 36.16 14.37
CA LYS A 126 4.71 36.95 14.99
C LYS A 126 3.65 36.06 15.65
N SER A 127 3.44 34.85 15.10
CA SER A 127 2.48 33.88 15.61
C SER A 127 2.97 33.04 16.82
N GLY A 128 4.22 33.18 17.24
CA GLY A 128 4.73 32.54 18.44
C GLY A 128 5.51 31.25 18.27
N THR A 129 5.78 30.82 17.04
CA THR A 129 6.55 29.61 16.79
C THR A 129 7.61 29.89 15.77
N ALA A 130 8.71 29.16 15.85
CA ALA A 130 9.83 29.25 14.91
C ALA A 130 10.07 27.89 14.31
N SER A 131 9.95 27.75 12.97
CA SER A 131 10.31 26.54 12.28
C SER A 131 11.62 26.82 11.55
N VAL A 132 12.66 26.03 11.82
CA VAL A 132 13.95 26.20 11.14
C VAL A 132 14.05 24.97 10.24
N VAL A 133 14.34 25.15 8.93
CA VAL A 133 14.31 24.03 8.03
C VAL A 133 15.69 23.75 7.47
N CYS A 134 16.06 22.48 7.40
CA CYS A 134 17.30 22.08 6.79
C CYS A 134 16.97 21.14 5.65
N LEU A 135 17.51 21.42 4.47
CA LEU A 135 17.29 20.64 3.26
C LEU A 135 18.57 19.92 2.88
N LEU A 136 18.47 18.62 2.63
CA LEU A 136 19.57 17.79 2.11
C LEU A 136 19.09 17.41 0.72
N ASN A 137 19.75 17.93 -0.33
CA ASN A 137 19.23 17.78 -1.67
C ASN A 137 20.06 16.79 -2.51
N ASN A 138 19.34 15.84 -3.15
CA ASN A 138 19.87 14.90 -4.17
C ASN A 138 21.10 14.14 -3.73
N PHE A 139 20.89 13.22 -2.78
CA PHE A 139 21.97 12.39 -2.26
C PHE A 139 21.69 10.92 -2.45
N TYR A 140 22.74 10.10 -2.31
CA TYR A 140 22.58 8.67 -2.40
C TYR A 140 23.74 8.04 -1.66
N PRO A 141 23.56 7.00 -0.81
CA PRO A 141 22.31 6.28 -0.49
C PRO A 141 21.37 7.07 0.40
N ARG A 142 20.20 6.51 0.67
CA ARG A 142 19.14 7.20 1.40
C ARG A 142 19.49 7.46 2.86
N GLU A 143 20.41 6.65 3.45
CA GLU A 143 20.74 6.85 4.85
C GLU A 143 21.52 8.16 5.05
N ALA A 144 21.04 9.01 5.95
CA ALA A 144 21.66 10.29 6.25
C ALA A 144 21.25 10.66 7.65
N LYS A 145 22.06 11.45 8.33
CA LYS A 145 21.72 11.87 9.69
C LYS A 145 21.83 13.36 9.81
N VAL A 146 20.76 13.99 10.33
CA VAL A 146 20.71 15.43 10.59
C VAL A 146 20.81 15.57 12.08
N GLN A 147 21.69 16.45 12.55
CA GLN A 147 21.78 16.81 13.96
C GLN A 147 21.59 18.31 14.04
N TRP A 148 20.56 18.76 14.77
CA TRP A 148 20.33 20.18 15.01
C TRP A 148 21.13 20.62 16.23
N LYS A 149 21.75 21.81 16.18
CA LYS A 149 22.47 22.39 17.31
C LYS A 149 22.00 23.83 17.49
N VAL A 150 21.82 24.25 18.75
CA VAL A 150 21.38 25.60 19.09
C VAL A 150 22.44 26.09 20.08
N ASP A 151 23.28 27.04 19.65
CA ASP A 151 24.43 27.48 20.47
C ASP A 151 25.30 26.29 20.89
N ASN A 152 25.49 25.36 19.94
CA ASN A 152 26.29 24.14 20.07
C ASN A 152 25.67 23.06 20.99
N ALA A 153 24.41 23.26 21.45
CA ALA A 153 23.74 22.27 22.29
C ALA A 153 22.95 21.38 21.33
N LEU A 154 23.21 20.07 21.37
CA LEU A 154 22.54 19.11 20.50
C LEU A 154 21.06 19.03 20.88
N GLN A 155 20.19 19.14 19.89
CA GLN A 155 18.75 19.14 20.12
C GLN A 155 18.19 17.73 20.05
N SER A 156 17.09 17.51 20.77
CA SER A 156 16.45 16.21 20.79
C SER A 156 14.96 16.35 21.04
N GLY A 157 14.17 15.59 20.28
CA GLY A 157 12.73 15.53 20.44
C GLY A 157 11.92 16.66 19.84
N ASN A 158 12.58 17.66 19.22
CA ASN A 158 11.91 18.85 18.69
C ASN A 158 12.08 18.98 17.18
N SER A 159 12.37 17.89 16.46
CA SER A 159 12.46 17.93 15.01
C SER A 159 11.70 16.78 14.37
N GLN A 160 11.28 16.98 13.10
CA GLN A 160 10.61 15.94 12.32
C GLN A 160 11.20 16.01 10.93
N GLU A 161 11.28 14.88 10.25
CA GLU A 161 11.81 14.90 8.91
C GLU A 161 11.06 14.00 7.99
N SER A 162 11.24 14.24 6.69
CA SER A 162 10.69 13.32 5.70
C SER A 162 11.56 13.30 4.50
N VAL A 163 11.41 12.24 3.71
CA VAL A 163 12.29 11.96 2.59
C VAL A 163 11.46 11.71 1.36
N THR A 164 11.96 12.16 0.22
CA THR A 164 11.24 11.90 -1.03
C THR A 164 11.48 10.47 -1.51
N GLU A 165 10.66 10.06 -2.48
CA GLU A 165 10.88 8.78 -3.17
C GLU A 165 12.10 8.95 -4.07
N GLN A 166 12.70 7.84 -4.48
CA GLN A 166 13.87 7.88 -5.33
C GLN A 166 13.56 8.61 -6.62
N ASP A 167 14.44 9.55 -7.00
CA ASP A 167 14.19 10.34 -8.19
C ASP A 167 14.30 9.47 -9.43
N SER A 168 13.32 9.60 -10.34
CA SER A 168 13.27 8.78 -11.56
C SER A 168 14.40 9.06 -12.55
N LYS A 169 14.95 10.30 -12.54
CA LYS A 169 16.01 10.73 -13.48
C LYS A 169 17.43 10.51 -12.93
N ASP A 170 17.71 10.85 -11.65
CA ASP A 170 19.07 10.71 -11.14
C ASP A 170 19.23 9.69 -10.00
N SER A 171 18.16 8.98 -9.61
CA SER A 171 18.23 7.92 -8.60
C SER A 171 18.66 8.42 -7.20
N THR A 172 18.48 9.72 -6.91
CA THR A 172 18.83 10.24 -5.60
C THR A 172 17.59 10.42 -4.73
N TYR A 173 17.85 10.78 -3.47
CA TYR A 173 16.83 11.12 -2.50
C TYR A 173 17.08 12.51 -1.98
N SER A 174 16.02 13.15 -1.42
CA SER A 174 16.16 14.43 -0.76
C SER A 174 15.46 14.34 0.58
N LEU A 175 15.89 15.16 1.54
CA LEU A 175 15.34 15.10 2.90
C LEU A 175 15.15 16.48 3.43
N SER A 176 14.03 16.68 4.12
CA SER A 176 13.73 17.95 4.77
C SER A 176 13.52 17.69 6.22
N SER A 177 14.19 18.44 7.10
CA SER A 177 14.02 18.34 8.55
C SER A 177 13.60 19.69 9.08
N THR A 178 12.63 19.72 9.98
CA THR A 178 12.16 20.96 10.55
C THR A 178 12.40 20.90 12.06
N LEU A 179 13.09 21.91 12.61
CA LEU A 179 13.27 22.07 14.06
C LEU A 179 12.21 23.06 14.47
N THR A 180 11.36 22.70 15.45
CA THR A 180 10.31 23.62 15.88
C THR A 180 10.55 24.07 17.33
N LEU A 181 10.57 25.39 17.54
CA LEU A 181 10.77 25.99 18.84
C LEU A 181 9.71 27.05 19.05
N SER A 182 9.47 27.43 20.30
CA SER A 182 8.57 28.55 20.54
C SER A 182 9.40 29.78 20.18
N LYS A 183 8.73 30.89 19.86
CA LYS A 183 9.42 32.14 19.55
C LYS A 183 10.29 32.55 20.74
N ALA A 184 9.76 32.42 21.98
CA ALA A 184 10.54 32.78 23.18
C ALA A 184 11.84 31.99 23.28
N ASP A 185 11.81 30.66 23.04
CA ASP A 185 13.02 29.82 23.07
C ASP A 185 13.91 30.19 21.91
N TYR A 186 13.33 30.42 20.72
CA TYR A 186 14.15 30.82 19.56
C TYR A 186 14.96 32.14 19.85
N GLU A 187 14.33 33.11 20.52
CA GLU A 187 15.00 34.37 20.86
C GLU A 187 16.06 34.27 21.95
N LYS A 188 16.08 33.17 22.74
CA LYS A 188 17.10 32.99 23.80
C LYS A 188 18.47 32.63 23.23
N HIS A 189 18.54 32.16 21.97
CA HIS A 189 19.81 31.67 21.38
C HIS A 189 20.20 32.37 20.10
N LYS A 190 21.50 32.25 19.72
CA LYS A 190 22.08 32.93 18.58
C LYS A 190 22.35 32.03 17.41
N VAL A 191 23.17 30.98 17.61
CA VAL A 191 23.62 30.14 16.51
C VAL A 191 22.73 28.94 16.27
N TYR A 192 22.16 28.84 15.06
CA TYR A 192 21.29 27.74 14.65
C TYR A 192 22.01 26.93 13.61
N ALA A 193 22.25 25.65 13.86
CA ALA A 193 23.07 24.85 12.96
C ALA A 193 22.47 23.51 12.63
N CYS A 194 22.59 23.13 11.35
CA CYS A 194 22.17 21.85 10.83
C CYS A 194 23.46 21.10 10.48
N GLU A 195 23.79 19.98 11.19
CA GLU A 195 25.00 19.17 10.92
C GLU A 195 24.58 17.89 10.23
N VAL A 196 25.12 17.64 9.03
CA VAL A 196 24.74 16.48 8.21
C VAL A 196 25.89 15.50 8.11
N THR A 197 25.58 14.20 8.33
CA THR A 197 26.52 13.08 8.16
C THR A 197 25.94 12.24 7.06
N HIS A 198 26.81 11.83 6.11
CA HIS A 198 26.41 11.03 4.97
C HIS A 198 27.66 10.37 4.39
N GLN A 199 27.49 9.22 3.76
CA GLN A 199 28.60 8.48 3.16
C GLN A 199 29.38 9.27 2.11
N GLY A 200 28.74 10.22 1.44
CA GLY A 200 29.40 11.01 0.42
C GLY A 200 30.18 12.20 0.96
N LEU A 201 30.13 12.44 2.29
CA LEU A 201 30.81 13.54 2.94
C LEU A 201 31.96 12.97 3.75
N SER A 202 33.19 13.40 3.42
CA SER A 202 34.38 12.91 4.12
C SER A 202 34.43 13.30 5.60
N SER A 203 33.70 14.38 5.97
CA SER A 203 33.51 14.82 7.36
C SER A 203 32.16 15.51 7.36
N PRO A 204 31.48 15.65 8.50
CA PRO A 204 30.14 16.26 8.45
C PRO A 204 30.13 17.69 7.94
N VAL A 205 29.02 18.07 7.29
CA VAL A 205 28.86 19.41 6.76
C VAL A 205 27.88 20.12 7.66
N THR A 206 28.22 21.34 8.09
CA THR A 206 27.33 22.14 8.92
C THR A 206 26.97 23.41 8.17
N LYS A 207 25.68 23.74 8.17
CA LYS A 207 25.16 25.00 7.63
C LYS A 207 24.54 25.69 8.80
N SER A 208 24.87 26.97 9.01
CA SER A 208 24.40 27.73 10.16
C SER A 208 23.98 29.14 9.82
N PHE A 209 23.26 29.75 10.76
CA PHE A 209 22.99 31.19 10.71
C PHE A 209 22.96 31.71 12.14
N ASN A 210 23.19 33.03 12.27
CA ASN A 210 23.12 33.72 13.54
C ASN A 210 21.80 34.47 13.52
N ARG A 211 20.92 34.21 14.50
CA ARG A 211 19.63 34.88 14.56
C ARG A 211 19.81 36.40 14.56
N GLY A 212 19.12 37.10 13.65
CA GLY A 212 19.23 38.55 13.50
C GLY A 212 20.29 38.99 12.50
N GLU A 213 20.86 38.04 11.73
CA GLU A 213 21.88 38.26 10.70
C GLU A 213 23.24 38.74 11.26
N CYS A 214 23.79 37.95 12.19
CA CYS A 214 25.12 38.11 12.80
C CYS A 214 25.31 39.43 13.56
N GLU B 1 -12.76 -3.49 -19.82
CA GLU B 1 -11.82 -3.73 -18.72
C GLU B 1 -12.55 -3.66 -17.38
N VAL B 2 -12.15 -4.45 -16.41
CA VAL B 2 -12.75 -4.39 -15.09
C VAL B 2 -12.26 -3.13 -14.38
N GLN B 3 -13.15 -2.42 -13.66
CA GLN B 3 -12.78 -1.27 -12.85
C GLN B 3 -13.59 -1.31 -11.55
N LEU B 4 -12.96 -0.87 -10.46
CA LEU B 4 -13.62 -0.72 -9.17
C LEU B 4 -13.43 0.72 -8.78
N VAL B 5 -14.52 1.47 -8.57
CA VAL B 5 -14.46 2.89 -8.25
C VAL B 5 -15.01 3.09 -6.85
N GLN B 6 -14.14 3.58 -5.97
CA GLN B 6 -14.50 3.80 -4.59
C GLN B 6 -14.96 5.23 -4.32
N SER B 7 -15.68 5.38 -3.21
CA SER B 7 -16.11 6.69 -2.75
C SER B 7 -14.93 7.53 -2.27
N GLY B 8 -15.18 8.82 -2.07
CA GLY B 8 -14.11 9.75 -1.75
C GLY B 8 -13.60 9.72 -0.34
N ALA B 9 -12.61 10.53 -0.09
CA ALA B 9 -11.96 10.58 1.20
C ALA B 9 -12.92 10.92 2.31
N GLU B 10 -12.64 10.37 3.50
CA GLU B 10 -13.46 10.56 4.68
C GLU B 10 -12.63 11.05 5.83
N VAL B 11 -13.20 11.91 6.66
CA VAL B 11 -12.55 12.41 7.85
C VAL B 11 -13.53 12.18 8.99
N LYS B 12 -13.14 11.42 10.00
CA LYS B 12 -14.05 11.05 11.08
C LYS B 12 -13.47 11.25 12.44
N LYS B 13 -14.32 11.52 13.43
CA LYS B 13 -13.84 11.68 14.78
C LYS B 13 -13.74 10.32 15.46
N PRO B 14 -12.83 10.15 16.43
CA PRO B 14 -12.79 8.90 17.20
C PRO B 14 -14.17 8.53 17.78
N GLY B 15 -14.51 7.25 17.69
CA GLY B 15 -15.79 6.71 18.17
C GLY B 15 -16.90 6.71 17.14
N SER B 16 -16.71 7.39 15.99
CA SER B 16 -17.75 7.42 14.96
C SER B 16 -17.57 6.21 14.04
N SER B 17 -18.35 6.17 12.98
CA SER B 17 -18.27 5.10 12.00
C SER B 17 -18.05 5.69 10.62
N VAL B 18 -17.54 4.86 9.71
CA VAL B 18 -17.33 5.25 8.32
C VAL B 18 -17.91 4.17 7.43
N LYS B 19 -18.48 4.56 6.29
CA LYS B 19 -19.04 3.63 5.33
C LYS B 19 -18.50 3.98 3.96
N VAL B 20 -17.69 3.07 3.37
CA VAL B 20 -17.07 3.31 2.08
C VAL B 20 -17.74 2.44 1.06
N SER B 21 -17.91 2.95 -0.17
CA SER B 21 -18.51 2.16 -1.24
C SER B 21 -17.49 1.86 -2.35
N CYS B 22 -17.78 0.81 -3.10
CA CYS B 22 -16.94 0.27 -4.15
C CYS B 22 -17.85 -0.19 -5.28
N LYS B 23 -17.89 0.58 -6.38
CA LYS B 23 -18.76 0.26 -7.51
C LYS B 23 -17.99 -0.46 -8.58
N ALA B 24 -18.46 -1.64 -8.97
CA ALA B 24 -17.78 -2.49 -9.95
C ALA B 24 -18.35 -2.27 -11.31
N SER B 25 -17.51 -2.34 -12.32
CA SER B 25 -17.96 -2.29 -13.70
C SER B 25 -17.14 -3.28 -14.53
N GLY B 26 -17.74 -3.73 -15.61
CA GLY B 26 -17.02 -4.54 -16.61
C GLY B 26 -16.97 -6.02 -16.36
N TYR B 27 -17.76 -6.54 -15.38
CA TYR B 27 -17.86 -7.98 -15.14
C TYR B 27 -19.12 -8.31 -14.35
N THR B 28 -19.50 -9.60 -14.29
CA THR B 28 -20.71 -10.01 -13.56
C THR B 28 -20.42 -9.92 -12.07
N PHE B 29 -20.94 -8.89 -11.42
CA PHE B 29 -20.60 -8.57 -10.04
C PHE B 29 -20.76 -9.76 -9.08
N SER B 30 -21.85 -10.51 -9.21
CA SER B 30 -22.09 -11.63 -8.27
C SER B 30 -21.20 -12.82 -8.50
N SER B 31 -20.40 -12.87 -9.58
CA SER B 31 -19.59 -14.07 -9.83
C SER B 31 -18.30 -14.08 -9.10
N TYR B 32 -17.95 -13.00 -8.38
CA TYR B 32 -16.68 -12.89 -7.66
C TYR B 32 -16.92 -12.22 -6.34
N VAL B 33 -16.19 -12.63 -5.30
CA VAL B 33 -16.33 -11.95 -4.03
C VAL B 33 -15.60 -10.61 -4.08
N MET B 34 -15.90 -9.74 -3.07
CA MET B 34 -15.22 -8.46 -2.96
C MET B 34 -14.53 -8.43 -1.60
N HIS B 35 -13.20 -8.33 -1.64
CA HIS B 35 -12.40 -8.18 -0.41
C HIS B 35 -12.15 -6.73 -0.09
N TRP B 36 -11.77 -6.48 1.16
CA TRP B 36 -11.34 -5.18 1.62
C TRP B 36 -10.00 -5.33 2.29
N VAL B 37 -9.04 -4.45 1.96
CA VAL B 37 -7.66 -4.49 2.48
C VAL B 37 -7.29 -3.06 2.84
N ARG B 38 -6.63 -2.80 3.95
CA ARG B 38 -6.23 -1.45 4.25
C ARG B 38 -4.73 -1.32 4.43
N GLN B 39 -4.26 -0.09 4.35
CA GLN B 39 -2.84 0.23 4.48
C GLN B 39 -2.68 1.55 5.24
N ALA B 40 -2.15 1.46 6.47
CA ALA B 40 -1.93 2.68 7.27
C ALA B 40 -0.74 3.40 6.66
N PRO B 41 -0.60 4.70 6.95
CA PRO B 41 0.52 5.46 6.38
C PRO B 41 1.90 4.86 6.65
N GLY B 42 2.63 4.56 5.57
CA GLY B 42 3.98 4.00 5.63
C GLY B 42 4.06 2.55 6.07
N GLN B 43 2.91 1.86 6.17
CA GLN B 43 2.85 0.49 6.67
C GLN B 43 2.48 -0.49 5.56
N GLY B 44 2.36 -1.75 5.94
CA GLY B 44 2.01 -2.80 4.99
C GLY B 44 0.51 -2.94 4.81
N LEU B 45 0.12 -4.08 4.24
CA LEU B 45 -1.27 -4.36 3.90
C LEU B 45 -1.93 -5.27 4.91
N GLU B 46 -3.22 -5.01 5.17
CA GLU B 46 -3.96 -5.77 6.16
C GLU B 46 -5.33 -6.12 5.62
N TRP B 47 -5.64 -7.41 5.55
CA TRP B 47 -6.94 -7.85 5.04
C TRP B 47 -8.02 -7.69 6.11
N ILE B 48 -9.21 -7.24 5.69
CA ILE B 48 -10.33 -7.01 6.59
C ILE B 48 -11.38 -8.13 6.50
N GLY B 49 -11.72 -8.53 5.27
CA GLY B 49 -12.75 -9.53 5.07
C GLY B 49 -13.22 -9.52 3.63
N TYR B 50 -14.25 -10.30 3.34
CA TYR B 50 -14.88 -10.24 2.04
C TYR B 50 -16.38 -10.38 2.15
N ILE B 51 -17.08 -9.88 1.10
CA ILE B 51 -18.52 -10.12 0.94
C ILE B 51 -18.68 -10.90 -0.35
N ASP B 52 -19.52 -11.94 -0.33
CA ASP B 52 -19.85 -12.70 -1.54
C ASP B 52 -21.22 -12.21 -1.99
N PRO B 53 -21.31 -11.42 -3.08
CA PRO B 53 -22.61 -10.88 -3.46
C PRO B 53 -23.58 -11.92 -3.96
N TYR B 54 -23.10 -13.11 -4.33
CA TYR B 54 -23.99 -14.16 -4.83
C TYR B 54 -24.95 -14.65 -3.75
N ASN B 55 -24.46 -14.73 -2.50
CA ASN B 55 -25.31 -15.26 -1.40
C ASN B 55 -25.30 -14.40 -0.13
N ASP B 56 -24.76 -13.16 -0.22
CA ASP B 56 -24.67 -12.25 0.93
C ASP B 56 -23.96 -12.89 2.09
N GLY B 57 -22.97 -13.71 1.80
CA GLY B 57 -22.15 -14.33 2.83
C GLY B 57 -20.89 -13.52 3.03
N ALA B 58 -20.64 -13.06 4.27
CA ALA B 58 -19.44 -12.28 4.56
C ALA B 58 -18.51 -13.09 5.43
N LYS B 59 -17.20 -12.90 5.26
CA LYS B 59 -16.18 -13.48 6.15
C LYS B 59 -15.31 -12.36 6.64
N TYR B 60 -14.96 -12.37 7.93
CA TYR B 60 -14.20 -11.29 8.52
C TYR B 60 -12.93 -11.79 9.15
N ALA B 61 -11.88 -10.99 9.12
CA ALA B 61 -10.70 -11.29 9.93
C ALA B 61 -11.12 -11.18 11.40
N GLN B 62 -10.59 -12.04 12.26
CA GLN B 62 -11.00 -11.99 13.67
C GLN B 62 -10.77 -10.63 14.28
N LYS B 63 -9.71 -9.95 13.87
CA LYS B 63 -9.39 -8.63 14.37
C LYS B 63 -10.51 -7.60 14.16
N PHE B 64 -11.30 -7.78 13.14
CA PHE B 64 -12.39 -6.83 12.80
C PHE B 64 -13.78 -7.39 13.06
N GLN B 65 -13.93 -8.69 13.36
CA GLN B 65 -15.24 -9.26 13.60
C GLN B 65 -15.98 -8.45 14.66
N GLY B 66 -17.25 -8.13 14.38
CA GLY B 66 -18.07 -7.37 15.33
C GLY B 66 -17.92 -5.87 15.28
N ARG B 67 -16.92 -5.35 14.53
CA ARG B 67 -16.69 -3.91 14.38
C ARG B 67 -16.79 -3.48 12.93
N VAL B 68 -16.70 -4.41 11.97
CA VAL B 68 -16.85 -4.07 10.58
C VAL B 68 -18.00 -4.88 10.04
N THR B 69 -18.68 -4.31 9.07
N THR B 69 -18.76 -4.32 9.08
CA THR B 69 -19.74 -5.02 8.39
CA THR B 69 -19.80 -5.08 8.37
C THR B 69 -19.47 -4.84 6.89
C THR B 69 -19.62 -4.83 6.88
N LEU B 70 -19.60 -5.92 6.11
CA LEU B 70 -19.40 -5.90 4.66
C LEU B 70 -20.72 -6.31 4.03
N THR B 71 -21.21 -5.52 3.07
CA THR B 71 -22.48 -5.78 2.39
C THR B 71 -22.36 -5.51 0.91
N SER B 72 -23.35 -5.96 0.14
CA SER B 72 -23.33 -5.77 -1.29
C SER B 72 -24.76 -5.53 -1.81
N ASP B 73 -24.84 -4.79 -2.94
CA ASP B 73 -26.09 -4.50 -3.60
C ASP B 73 -25.91 -4.91 -5.07
N LYS B 74 -26.50 -6.03 -5.47
CA LYS B 74 -26.36 -6.50 -6.85
C LYS B 74 -26.99 -5.52 -7.82
N SER B 75 -28.09 -4.83 -7.43
CA SER B 75 -28.78 -3.92 -8.35
C SER B 75 -27.90 -2.77 -8.85
N THR B 76 -26.91 -2.37 -8.07
CA THR B 76 -26.03 -1.27 -8.45
C THR B 76 -24.57 -1.78 -8.54
N SER B 77 -24.31 -3.11 -8.43
CA SER B 77 -22.95 -3.67 -8.47
C SER B 77 -22.01 -2.95 -7.52
N THR B 78 -22.52 -2.69 -6.28
CA THR B 78 -21.73 -1.97 -5.30
C THR B 78 -21.52 -2.75 -4.04
N ALA B 79 -20.26 -2.76 -3.51
CA ALA B 79 -19.98 -3.35 -2.22
C ALA B 79 -19.73 -2.23 -1.24
N TYR B 80 -20.00 -2.49 0.04
CA TYR B 80 -19.80 -1.49 1.07
C TYR B 80 -19.03 -2.06 2.26
N MET B 81 -18.22 -1.21 2.90
N MET B 81 -18.22 -1.21 2.88
CA MET B 81 -17.46 -1.54 4.11
CA MET B 81 -17.53 -1.51 4.11
C MET B 81 -17.82 -0.50 5.18
C MET B 81 -17.97 -0.47 5.13
N GLU B 82 -18.50 -0.91 6.28
CA GLU B 82 -18.86 -0.01 7.37
C GLU B 82 -18.03 -0.38 8.59
N LEU B 83 -17.14 0.51 9.05
CA LEU B 83 -16.27 0.22 10.19
C LEU B 83 -16.67 1.16 11.31
N SER B 84 -16.99 0.61 12.49
N SER B 84 -16.99 0.60 12.48
CA SER B 84 -17.48 1.41 13.62
CA SER B 84 -17.50 1.36 13.62
C SER B 84 -16.46 1.56 14.73
C SER B 84 -16.47 1.54 14.74
N SER B 85 -16.82 2.35 15.76
CA SER B 85 -15.94 2.60 16.91
C SER B 85 -14.51 2.97 16.45
N LEU B 86 -14.43 3.95 15.53
CA LEU B 86 -13.15 4.29 14.93
C LEU B 86 -12.14 4.83 15.93
N ARG B 87 -10.87 4.47 15.74
CA ARG B 87 -9.79 5.00 16.57
C ARG B 87 -8.74 5.56 15.64
N SER B 88 -7.85 6.41 16.15
N SER B 88 -7.81 6.35 16.20
CA SER B 88 -6.80 7.01 15.33
CA SER B 88 -6.71 6.95 15.44
C SER B 88 -5.99 5.95 14.52
C SER B 88 -6.00 5.94 14.54
N GLU B 89 -5.80 4.73 15.08
CA GLU B 89 -5.08 3.65 14.41
C GLU B 89 -5.85 3.06 13.21
N ASP B 90 -7.10 3.43 13.02
CA ASP B 90 -7.85 3.04 11.82
C ASP B 90 -7.61 4.03 10.64
N THR B 91 -6.79 5.06 10.83
CA THR B 91 -6.41 5.97 9.76
C THR B 91 -5.61 5.14 8.73
N ALA B 92 -6.10 5.10 7.49
CA ALA B 92 -5.48 4.26 6.46
C ALA B 92 -6.13 4.54 5.15
N VAL B 93 -5.52 4.02 4.09
CA VAL B 93 -6.18 3.94 2.79
C VAL B 93 -6.89 2.57 2.81
N TYR B 94 -8.19 2.54 2.51
CA TYR B 94 -8.99 1.33 2.45
C TYR B 94 -9.25 0.99 1.01
N TYR B 95 -8.88 -0.21 0.58
CA TYR B 95 -9.13 -0.64 -0.78
C TYR B 95 -10.19 -1.70 -0.82
N CYS B 96 -11.01 -1.72 -1.87
CA CYS B 96 -11.76 -2.91 -2.22
C CYS B 96 -10.90 -3.63 -3.28
N ALA B 97 -10.99 -4.93 -3.30
CA ALA B 97 -10.21 -5.71 -4.26
C ALA B 97 -10.99 -6.96 -4.58
N ARG B 98 -11.22 -7.20 -5.87
CA ARG B 98 -11.99 -8.35 -6.26
C ARG B 98 -11.21 -9.63 -5.91
N GLY B 99 -11.94 -10.63 -5.43
CA GLY B 99 -11.37 -11.95 -5.23
C GLY B 99 -11.23 -12.64 -6.57
N GLY B 100 -10.07 -13.23 -6.83
CA GLY B 100 -9.82 -13.85 -8.11
C GLY B 100 -10.64 -15.09 -8.38
N PRO B 101 -10.66 -15.51 -9.65
CA PRO B 101 -11.53 -16.64 -10.02
C PRO B 101 -11.12 -17.95 -9.38
N TYR B 102 -9.82 -18.11 -9.02
CA TYR B 102 -9.33 -19.42 -8.59
C TYR B 102 -8.90 -19.49 -7.14
N GLY B 103 -9.30 -18.52 -6.33
CA GLY B 103 -8.97 -18.58 -4.92
C GLY B 103 -8.97 -17.24 -4.22
N TRP B 104 -8.41 -17.21 -2.99
CA TRP B 104 -8.46 -16.03 -2.12
C TRP B 104 -7.27 -15.11 -2.31
N TYR B 105 -7.09 -14.65 -3.56
CA TYR B 105 -6.12 -13.63 -3.90
C TYR B 105 -6.88 -12.48 -4.55
N PHE B 106 -6.20 -11.34 -4.74
CA PHE B 106 -6.85 -10.05 -5.04
C PHE B 106 -6.47 -9.63 -6.44
N ASP B 107 -7.37 -9.84 -7.44
CA ASP B 107 -6.91 -9.67 -8.80
C ASP B 107 -7.17 -8.32 -9.44
N VAL B 108 -8.13 -7.55 -8.93
CA VAL B 108 -8.39 -6.20 -9.42
C VAL B 108 -8.60 -5.31 -8.21
N TRP B 109 -7.96 -4.12 -8.15
CA TRP B 109 -8.05 -3.26 -6.98
C TRP B 109 -8.72 -1.94 -7.31
N GLY B 110 -9.48 -1.45 -6.36
CA GLY B 110 -10.04 -0.11 -6.43
C GLY B 110 -8.97 0.94 -6.23
N GLN B 111 -9.32 2.21 -6.46
CA GLN B 111 -8.30 3.28 -6.33
C GLN B 111 -7.93 3.63 -4.90
N GLY B 112 -8.68 3.12 -3.94
CA GLY B 112 -8.46 3.40 -2.54
C GLY B 112 -9.29 4.58 -2.05
N THR B 113 -9.60 4.57 -0.76
CA THR B 113 -10.31 5.63 -0.07
C THR B 113 -9.52 5.97 1.15
N THR B 114 -9.05 7.23 1.27
CA THR B 114 -8.33 7.66 2.47
C THR B 114 -9.32 7.92 3.56
N VAL B 115 -9.12 7.33 4.74
CA VAL B 115 -9.93 7.58 5.92
C VAL B 115 -9.02 8.10 7.00
N THR B 116 -9.26 9.35 7.45
CA THR B 116 -8.45 9.91 8.53
C THR B 116 -9.32 9.93 9.77
N VAL B 117 -8.83 9.36 10.88
CA VAL B 117 -9.57 9.38 12.12
C VAL B 117 -8.83 10.29 13.07
N SER B 118 -9.45 11.42 13.45
CA SER B 118 -8.76 12.39 14.30
C SER B 118 -9.75 13.29 14.97
N SER B 119 -9.37 13.87 16.12
CA SER B 119 -10.24 14.85 16.79
C SER B 119 -10.06 16.25 16.17
N ALA B 120 -9.09 16.43 15.24
CA ALA B 120 -8.82 17.75 14.66
C ALA B 120 -9.98 18.26 13.80
N SER B 121 -10.07 19.59 13.68
CA SER B 121 -11.06 20.29 12.85
C SER B 121 -10.34 20.75 11.57
N THR B 122 -11.13 20.85 10.49
CA THR B 122 -10.62 21.34 9.21
C THR B 122 -9.97 22.69 9.39
N LYS B 123 -8.74 22.84 8.86
CA LYS B 123 -7.98 24.08 9.02
C LYS B 123 -7.09 24.27 7.82
N GLY B 124 -7.12 25.45 7.23
CA GLY B 124 -6.27 25.74 6.09
C GLY B 124 -4.84 26.03 6.54
N PRO B 125 -3.88 25.84 5.64
CA PRO B 125 -2.47 26.07 6.01
C PRO B 125 -2.09 27.53 6.07
N SER B 126 -1.00 27.78 6.81
CA SER B 126 -0.24 29.01 6.74
C SER B 126 0.90 28.69 5.74
N VAL B 127 1.21 29.58 4.84
CA VAL B 127 2.27 29.36 3.86
C VAL B 127 3.39 30.37 4.16
N PHE B 128 4.57 29.89 4.54
CA PHE B 128 5.69 30.75 4.89
C PHE B 128 6.79 30.53 3.86
N PRO B 129 7.57 31.58 3.60
CA PRO B 129 8.66 31.41 2.64
C PRO B 129 9.85 30.71 3.26
N LEU B 130 10.61 30.00 2.39
CA LEU B 130 11.92 29.44 2.69
C LEU B 130 12.79 30.23 1.73
N ALA B 131 13.31 31.36 2.21
CA ALA B 131 13.93 32.34 1.32
C ALA B 131 15.29 31.92 0.84
N PRO B 132 15.60 32.17 -0.46
CA PRO B 132 16.96 31.93 -0.95
C PRO B 132 17.86 33.08 -0.55
N SER B 133 19.15 32.87 -0.71
CA SER B 133 20.10 33.91 -0.41
C SER B 133 21.33 33.69 -1.24
N SER B 134 21.93 34.78 -1.70
CA SER B 134 23.18 34.70 -2.46
C SER B 134 24.32 34.19 -1.57
N LYS B 135 24.15 34.27 -0.23
CA LYS B 135 25.17 33.80 0.70
C LYS B 135 24.99 32.34 1.10
N SER B 136 23.94 31.65 0.59
CA SER B 136 23.62 30.26 0.91
C SER B 136 23.49 29.50 -0.39
N THR B 137 24.58 29.40 -1.10
CA THR B 137 24.56 28.71 -2.38
C THR B 137 25.46 27.54 -2.28
N SER B 138 25.31 26.63 -3.23
CA SER B 138 26.15 25.46 -3.35
C SER B 138 26.31 25.19 -4.84
N GLY B 139 27.54 25.14 -5.34
CA GLY B 139 27.80 24.86 -6.75
C GLY B 139 27.09 25.77 -7.73
N GLY B 140 26.91 27.04 -7.37
CA GLY B 140 26.22 27.99 -8.23
C GLY B 140 24.71 27.85 -8.19
N THR B 141 24.18 27.11 -7.20
CA THR B 141 22.73 26.94 -7.08
C THR B 141 22.24 27.55 -5.78
N ALA B 142 21.02 28.03 -5.79
CA ALA B 142 20.39 28.53 -4.58
C ALA B 142 19.19 27.62 -4.31
N ALA B 143 18.71 27.59 -3.09
CA ALA B 143 17.52 26.80 -2.76
C ALA B 143 16.47 27.72 -2.18
N LEU B 144 15.20 27.48 -2.52
CA LEU B 144 14.11 28.29 -2.00
C LEU B 144 12.92 27.36 -1.81
N GLY B 145 11.87 27.81 -1.15
CA GLY B 145 10.75 26.92 -0.94
C GLY B 145 9.59 27.59 -0.25
N CYS B 146 8.60 26.77 0.11
CA CYS B 146 7.47 27.21 0.91
C CYS B 146 7.24 26.16 1.97
N LEU B 147 6.99 26.63 3.20
CA LEU B 147 6.64 25.77 4.32
C LEU B 147 5.12 25.91 4.45
N VAL B 148 4.39 24.80 4.26
CA VAL B 148 2.93 24.79 4.27
C VAL B 148 2.55 24.16 5.61
N LYS B 149 2.27 25.01 6.60
CA LYS B 149 2.15 24.52 7.96
C LYS B 149 0.78 24.60 8.57
N ASP B 150 0.48 23.64 9.42
CA ASP B 150 -0.69 23.63 10.29
C ASP B 150 -1.99 23.54 9.54
N TYR B 151 -2.15 22.47 8.75
CA TYR B 151 -3.40 22.24 8.04
C TYR B 151 -3.98 20.90 8.42
N PHE B 152 -5.28 20.76 8.16
CA PHE B 152 -5.93 19.48 8.39
C PHE B 152 -7.20 19.44 7.56
N PRO B 153 -7.55 18.33 6.93
CA PRO B 153 -6.81 17.07 6.81
C PRO B 153 -5.87 17.14 5.61
N GLU B 154 -5.23 16.03 5.32
CA GLU B 154 -4.55 15.89 4.04
C GLU B 154 -5.62 15.85 2.95
N PRO B 155 -5.30 16.15 1.68
CA PRO B 155 -3.99 16.51 1.15
C PRO B 155 -3.88 17.98 0.81
N VAL B 156 -2.67 18.40 0.49
CA VAL B 156 -2.43 19.72 -0.12
C VAL B 156 -1.73 19.45 -1.44
N THR B 157 -1.84 20.38 -2.38
CA THR B 157 -1.06 20.26 -3.63
C THR B 157 -0.19 21.53 -3.69
N VAL B 158 1.01 21.40 -4.25
CA VAL B 158 1.93 22.53 -4.45
C VAL B 158 2.49 22.44 -5.85
N SER B 159 2.44 23.55 -6.59
CA SER B 159 3.13 23.69 -7.85
C SER B 159 3.98 24.94 -7.74
N TRP B 160 4.88 25.14 -8.73
CA TRP B 160 5.73 26.32 -8.78
C TRP B 160 5.52 27.02 -10.08
N ASN B 161 5.30 28.33 -10.02
CA ASN B 161 5.10 29.14 -11.25
C ASN B 161 3.97 28.54 -12.12
N SER B 162 2.87 28.15 -11.47
CA SER B 162 1.69 27.59 -12.16
C SER B 162 2.01 26.35 -13.02
N GLY B 163 2.99 25.56 -12.57
CA GLY B 163 3.40 24.35 -13.27
C GLY B 163 4.52 24.52 -14.27
N ALA B 164 4.95 25.75 -14.55
CA ALA B 164 6.04 25.99 -15.50
C ALA B 164 7.40 25.58 -14.92
N LEU B 165 7.53 25.52 -13.59
CA LEU B 165 8.80 25.16 -12.96
C LEU B 165 8.64 23.81 -12.32
N THR B 166 9.28 22.80 -12.92
CA THR B 166 9.23 21.43 -12.42
C THR B 166 10.64 20.88 -12.13
N SER B 167 11.67 21.29 -12.89
CA SER B 167 13.01 20.76 -12.66
C SER B 167 13.55 21.21 -11.31
N GLY B 168 14.06 20.26 -10.55
CA GLY B 168 14.67 20.55 -9.27
C GLY B 168 13.70 20.75 -8.13
N VAL B 169 12.39 20.52 -8.34
CA VAL B 169 11.41 20.68 -7.30
C VAL B 169 11.35 19.42 -6.45
N HIS B 170 11.28 19.58 -5.11
CA HIS B 170 11.03 18.43 -4.26
C HIS B 170 9.92 18.87 -3.33
N THR B 171 8.73 18.21 -3.45
CA THR B 171 7.64 18.43 -2.49
C THR B 171 7.64 17.22 -1.57
N PHE B 172 7.90 17.47 -0.27
CA PHE B 172 8.10 16.39 0.66
C PHE B 172 6.83 15.81 1.20
N PRO B 173 6.88 14.58 1.68
CA PRO B 173 5.70 14.06 2.38
C PRO B 173 5.39 14.93 3.61
N ALA B 174 4.11 15.11 3.91
CA ALA B 174 3.78 15.84 5.12
C ALA B 174 4.15 15.06 6.35
N VAL B 175 4.37 15.78 7.47
CA VAL B 175 4.55 15.13 8.76
C VAL B 175 3.34 15.54 9.58
N LEU B 176 2.94 14.67 10.51
CA LEU B 176 1.82 14.96 11.41
C LEU B 176 2.40 15.44 12.73
N GLN B 177 2.07 16.65 13.13
CA GLN B 177 2.62 17.24 14.36
C GLN B 177 1.79 16.79 15.55
N SER B 178 2.33 16.99 16.78
CA SER B 178 1.60 16.61 18.00
C SER B 178 0.28 17.37 18.20
N SER B 179 0.15 18.54 17.54
CA SER B 179 -1.08 19.32 17.54
C SER B 179 -2.22 18.64 16.78
N GLY B 180 -1.91 17.60 15.99
CA GLY B 180 -2.89 16.95 15.14
C GLY B 180 -2.99 17.63 13.79
N LEU B 181 -2.10 18.60 13.50
CA LEU B 181 -2.10 19.30 12.21
C LEU B 181 -0.87 18.84 11.43
N TYR B 182 -1.00 18.87 10.10
CA TYR B 182 0.09 18.48 9.23
C TYR B 182 0.95 19.67 8.84
N SER B 183 2.18 19.38 8.42
CA SER B 183 3.08 20.40 7.90
C SER B 183 3.89 19.78 6.80
N LEU B 184 4.08 20.53 5.71
CA LEU B 184 4.93 20.04 4.65
C LEU B 184 5.77 21.11 4.06
N SER B 185 6.87 20.73 3.42
CA SER B 185 7.69 21.72 2.72
C SER B 185 7.80 21.33 1.28
N SER B 186 7.94 22.34 0.43
CA SER B 186 8.19 22.16 -0.98
C SER B 186 9.35 23.07 -1.31
N VAL B 187 10.40 22.51 -1.92
CA VAL B 187 11.59 23.28 -2.24
C VAL B 187 11.93 23.18 -3.69
N VAL B 188 12.83 24.06 -4.10
CA VAL B 188 13.36 23.97 -5.46
C VAL B 188 14.76 24.52 -5.45
N THR B 189 15.71 23.87 -6.18
CA THR B 189 17.04 24.46 -6.33
C THR B 189 17.07 25.07 -7.69
N VAL B 190 17.71 26.24 -7.78
CA VAL B 190 17.67 27.03 -9.01
C VAL B 190 19.03 27.65 -9.24
N PRO B 191 19.31 28.11 -10.46
CA PRO B 191 20.59 28.80 -10.69
C PRO B 191 20.68 30.02 -9.77
N SER B 192 21.82 30.22 -9.09
CA SER B 192 21.86 31.34 -8.13
C SER B 192 21.82 32.69 -8.82
N SER B 193 22.17 32.75 -10.13
CA SER B 193 22.11 34.01 -10.86
C SER B 193 20.67 34.37 -11.27
N SER B 194 19.72 33.44 -11.08
N SER B 194 19.71 33.45 -11.10
CA SER B 194 18.32 33.74 -11.43
CA SER B 194 18.32 33.74 -11.44
C SER B 194 17.61 34.48 -10.30
C SER B 194 17.59 34.45 -10.30
N LEU B 195 18.23 34.60 -9.11
CA LEU B 195 17.52 35.28 -7.99
C LEU B 195 17.22 36.73 -8.33
N GLY B 196 18.10 37.42 -9.06
CA GLY B 196 17.82 38.80 -9.46
C GLY B 196 16.83 39.00 -10.61
N THR B 197 16.54 37.95 -11.41
CA THR B 197 15.73 38.06 -12.64
C THR B 197 14.49 37.17 -12.77
N GLN B 198 14.33 36.11 -12.00
CA GLN B 198 13.21 35.19 -12.16
C GLN B 198 12.30 35.29 -10.94
N THR B 199 10.99 35.39 -11.15
CA THR B 199 10.04 35.39 -10.04
C THR B 199 9.71 33.92 -9.71
N TYR B 200 9.64 33.57 -8.41
CA TYR B 200 9.31 32.24 -7.98
C TYR B 200 8.09 32.32 -7.11
N ILE B 201 7.03 31.58 -7.47
CA ILE B 201 5.77 31.58 -6.73
C ILE B 201 5.39 30.17 -6.42
N CYS B 202 5.03 29.86 -5.17
CA CYS B 202 4.51 28.52 -4.91
C CYS B 202 2.99 28.61 -4.89
N ASN B 203 2.32 27.72 -5.62
CA ASN B 203 0.86 27.72 -5.72
C ASN B 203 0.39 26.58 -4.84
N VAL B 204 -0.21 26.91 -3.69
CA VAL B 204 -0.67 25.94 -2.71
C VAL B 204 -2.17 25.85 -2.72
N ASN B 205 -2.71 24.62 -2.76
N ASN B 205 -2.70 24.63 -2.73
CA ASN B 205 -4.16 24.40 -2.73
CA ASN B 205 -4.13 24.44 -2.67
C ASN B 205 -4.50 23.41 -1.63
C ASN B 205 -4.42 23.47 -1.53
N HIS B 206 -5.45 23.76 -0.74
CA HIS B 206 -5.96 22.86 0.30
C HIS B 206 -7.47 22.88 0.12
N LYS B 207 -7.99 21.94 -0.70
CA LYS B 207 -9.41 21.96 -1.07
C LYS B 207 -10.36 21.84 0.14
N PRO B 208 -10.03 21.06 1.19
CA PRO B 208 -10.98 20.95 2.31
C PRO B 208 -11.32 22.26 3.01
N SER B 209 -10.39 23.23 2.97
CA SER B 209 -10.64 24.53 3.60
C SER B 209 -10.84 25.64 2.55
N ASN B 210 -10.95 25.27 1.26
CA ASN B 210 -11.08 26.23 0.17
C ASN B 210 -9.92 27.21 0.18
N THR B 211 -8.68 26.75 0.48
CA THR B 211 -7.51 27.61 0.52
C THR B 211 -6.80 27.52 -0.81
N LYS B 212 -6.48 28.68 -1.38
CA LYS B 212 -5.66 28.81 -2.58
C LYS B 212 -4.67 29.94 -2.27
N VAL B 213 -3.37 29.66 -2.17
CA VAL B 213 -2.37 30.71 -1.89
C VAL B 213 -1.35 30.69 -3.01
N ASP B 214 -0.97 31.86 -3.57
CA ASP B 214 0.10 31.96 -4.59
C ASP B 214 1.16 32.86 -3.95
N LYS B 215 2.14 32.25 -3.28
CA LYS B 215 3.12 33.00 -2.49
C LYS B 215 4.41 33.27 -3.24
N LYS B 216 4.74 34.57 -3.47
CA LYS B 216 5.99 34.91 -4.12
C LYS B 216 7.11 34.77 -3.08
N VAL B 217 8.20 34.04 -3.41
CA VAL B 217 9.31 33.80 -2.51
C VAL B 217 10.51 34.59 -3.03
N GLU B 218 11.00 35.49 -2.22
CA GLU B 218 12.10 36.38 -2.63
C GLU B 218 13.26 36.27 -1.70
N PRO B 219 14.49 36.69 -2.11
CA PRO B 219 15.56 36.79 -1.11
C PRO B 219 15.22 37.87 -0.08
N LYS B 220 15.54 37.67 1.22
CA LYS B 220 15.23 38.68 2.26
C LYS B 220 16.17 39.88 2.07
N SER B 221 15.62 41.11 1.95
CA SER B 221 16.39 42.34 1.78
N GLY C 4 -3.62 -42.57 5.90
CA GLY C 4 -5.04 -42.75 5.62
C GLY C 4 -5.36 -43.00 4.15
N THR C 5 -6.66 -42.95 3.81
CA THR C 5 -7.10 -43.19 2.43
C THR C 5 -8.36 -42.40 2.09
N ILE C 6 -8.56 -42.13 0.80
CA ILE C 6 -9.73 -41.41 0.34
C ILE C 6 -10.64 -42.38 -0.44
N GLU C 7 -11.90 -42.52 0.00
CA GLU C 7 -12.88 -43.40 -0.62
C GLU C 7 -13.92 -42.54 -1.34
N THR C 8 -14.30 -42.93 -2.56
CA THR C 8 -15.30 -42.19 -3.34
C THR C 8 -16.35 -43.18 -3.85
N THR C 9 -17.43 -42.66 -4.43
CA THR C 9 -18.50 -43.49 -5.00
C THR C 9 -18.00 -44.22 -6.27
N GLY C 10 -16.89 -43.74 -6.85
CA GLY C 10 -16.25 -44.37 -8.00
C GLY C 10 -16.90 -43.90 -9.30
N ASN C 11 -17.44 -44.83 -10.05
CA ASN C 11 -18.10 -44.53 -11.32
C ASN C 11 -19.56 -44.27 -10.98
N ILE C 12 -20.08 -43.10 -11.38
CA ILE C 12 -21.47 -42.72 -11.08
C ILE C 12 -22.15 -42.24 -12.35
N SER C 13 -23.48 -42.33 -12.35
CA SER C 13 -24.31 -41.96 -13.49
C SER C 13 -25.36 -40.98 -13.00
N ALA C 14 -25.80 -40.08 -13.87
CA ALA C 14 -26.85 -39.11 -13.55
C ALA C 14 -27.58 -38.73 -14.82
N GLU C 15 -28.82 -38.24 -14.70
CA GLU C 15 -29.60 -37.86 -15.88
C GLU C 15 -29.34 -36.40 -16.26
N LYS C 16 -29.35 -36.13 -17.58
CA LYS C 16 -29.25 -34.76 -18.13
C LYS C 16 -30.35 -33.89 -17.50
N GLY C 17 -29.99 -32.69 -17.04
CA GLY C 17 -30.91 -31.78 -16.37
C GLY C 17 -31.02 -32.01 -14.87
N GLY C 18 -30.56 -33.17 -14.38
CA GLY C 18 -30.62 -33.51 -12.97
C GLY C 18 -29.42 -32.97 -12.20
N SER C 19 -29.23 -33.47 -10.99
CA SER C 19 -28.14 -33.07 -10.12
C SER C 19 -27.42 -34.30 -9.60
N ILE C 20 -26.18 -34.12 -9.15
CA ILE C 20 -25.38 -35.19 -8.57
C ILE C 20 -24.61 -34.63 -7.38
N ILE C 21 -24.52 -35.37 -6.29
CA ILE C 21 -23.74 -34.97 -5.14
C ILE C 21 -22.39 -35.65 -5.34
N LEU C 22 -21.32 -34.87 -5.48
CA LEU C 22 -19.97 -35.42 -5.58
C LEU C 22 -19.46 -35.52 -4.15
N GLN C 23 -19.02 -36.71 -3.73
CA GLN C 23 -18.58 -36.86 -2.34
C GLN C 23 -17.35 -37.74 -2.25
N CYS C 24 -16.55 -37.47 -1.23
CA CYS C 24 -15.35 -38.21 -0.90
C CYS C 24 -15.33 -38.37 0.59
N HIS C 25 -14.70 -39.46 1.06
CA HIS C 25 -14.57 -39.73 2.49
C HIS C 25 -13.12 -40.03 2.77
N LEU C 26 -12.54 -39.32 3.71
CA LEU C 26 -11.17 -39.55 4.12
C LEU C 26 -11.24 -40.49 5.32
N SER C 27 -10.66 -41.68 5.21
CA SER C 27 -10.66 -42.68 6.29
C SER C 27 -9.25 -42.91 6.77
N SER C 28 -9.15 -43.57 7.94
CA SER C 28 -7.90 -44.04 8.55
C SER C 28 -6.87 -42.94 8.86
N THR C 29 -7.33 -41.72 9.14
CA THR C 29 -6.45 -40.64 9.61
C THR C 29 -7.24 -39.71 10.49
N THR C 30 -6.64 -39.32 11.61
CA THR C 30 -7.26 -38.37 12.54
C THR C 30 -6.73 -36.97 12.22
N ALA C 31 -5.86 -36.81 11.18
CA ALA C 31 -5.34 -35.48 10.86
C ALA C 31 -6.48 -34.54 10.46
N GLN C 32 -6.37 -33.29 10.90
CA GLN C 32 -7.36 -32.26 10.63
C GLN C 32 -7.39 -31.95 9.14
N VAL C 33 -8.58 -31.93 8.52
CA VAL C 33 -8.70 -31.53 7.11
C VAL C 33 -8.71 -29.99 7.09
N THR C 34 -7.74 -29.38 6.38
CA THR C 34 -7.65 -27.93 6.32
C THR C 34 -8.30 -27.36 5.07
N GLN C 35 -8.45 -28.13 4.01
CA GLN C 35 -9.08 -27.63 2.80
C GLN C 35 -9.41 -28.79 1.90
N VAL C 36 -10.52 -28.68 1.15
CA VAL C 36 -10.88 -29.61 0.09
C VAL C 36 -11.05 -28.87 -1.18
N ASN C 37 -10.35 -29.25 -2.26
CA ASN C 37 -10.57 -28.64 -3.59
C ASN C 37 -11.38 -29.61 -4.44
N TRP C 38 -12.27 -29.08 -5.27
CA TRP C 38 -13.02 -29.89 -6.22
C TRP C 38 -12.61 -29.43 -7.62
N GLU C 39 -12.24 -30.38 -8.48
CA GLU C 39 -11.93 -30.09 -9.86
C GLU C 39 -12.81 -30.93 -10.79
N GLN C 40 -13.19 -30.37 -11.95
CA GLN C 40 -13.89 -31.13 -13.02
C GLN C 40 -12.81 -31.24 -14.06
N GLN C 41 -12.29 -32.46 -14.32
CA GLN C 41 -11.14 -32.62 -15.23
C GLN C 41 -9.98 -31.74 -14.69
N ASP C 42 -9.40 -30.81 -15.48
CA ASP C 42 -8.32 -29.94 -15.02
C ASP C 42 -8.79 -28.51 -14.58
N GLN C 43 -10.09 -28.28 -14.46
CA GLN C 43 -10.61 -26.95 -14.13
C GLN C 43 -10.99 -26.90 -12.67
N LEU C 44 -10.76 -25.76 -11.99
CA LEU C 44 -11.21 -25.61 -10.60
C LEU C 44 -12.73 -25.38 -10.50
N LEU C 45 -13.45 -26.20 -9.71
CA LEU C 45 -14.89 -25.96 -9.46
C LEU C 45 -15.03 -25.13 -8.20
N ALA C 46 -14.42 -25.59 -7.12
CA ALA C 46 -14.64 -24.96 -5.84
C ALA C 46 -13.59 -25.34 -4.85
N ILE C 47 -13.45 -24.55 -3.79
CA ILE C 47 -12.53 -24.80 -2.68
C ILE C 47 -13.30 -24.62 -1.40
N CYS C 48 -13.22 -25.60 -0.47
CA CYS C 48 -13.79 -25.43 0.85
C CYS C 48 -12.62 -25.37 1.82
N ASN C 49 -12.29 -24.18 2.33
CA ASN C 49 -11.19 -24.02 3.29
C ASN C 49 -11.84 -23.98 4.68
N ALA C 50 -11.24 -24.65 5.65
CA ALA C 50 -11.85 -24.73 6.97
C ALA C 50 -12.10 -23.39 7.61
N ASP C 51 -11.25 -22.41 7.33
CA ASP C 51 -11.45 -21.08 7.93
C ASP C 51 -12.24 -20.15 6.99
N LEU C 52 -11.88 -20.15 5.70
CA LEU C 52 -12.38 -19.13 4.76
C LEU C 52 -13.69 -19.47 4.08
N GLY C 53 -14.13 -20.71 4.23
CA GLY C 53 -15.40 -21.13 3.66
C GLY C 53 -15.28 -21.63 2.24
N TRP C 54 -16.36 -21.45 1.47
CA TRP C 54 -16.46 -21.92 0.11
C TRP C 54 -16.20 -20.88 -0.95
N HIS C 55 -15.16 -21.11 -1.74
CA HIS C 55 -14.86 -20.34 -2.94
C HIS C 55 -15.44 -21.14 -4.09
N ILE C 56 -16.24 -20.51 -4.97
CA ILE C 56 -16.77 -21.19 -6.15
C ILE C 56 -16.24 -20.40 -7.35
N SER C 57 -15.72 -21.11 -8.35
N SER C 57 -15.66 -21.10 -8.35
CA SER C 57 -15.19 -20.44 -9.55
CA SER C 57 -15.15 -20.38 -9.52
C SER C 57 -16.32 -19.79 -10.33
C SER C 57 -16.31 -19.76 -10.29
N PRO C 58 -16.06 -18.65 -10.98
CA PRO C 58 -17.15 -17.93 -11.65
C PRO C 58 -17.89 -18.72 -12.70
N SER C 59 -17.23 -19.63 -13.38
CA SER C 59 -17.95 -20.39 -14.42
C SER C 59 -18.89 -21.45 -13.85
N PHE C 60 -18.78 -21.81 -12.56
CA PHE C 60 -19.66 -22.77 -11.91
C PHE C 60 -20.59 -22.13 -10.87
N LYS C 61 -20.54 -20.80 -10.72
CA LYS C 61 -21.28 -20.08 -9.70
C LYS C 61 -22.75 -20.42 -9.66
N ASP C 62 -23.41 -20.43 -10.82
CA ASP C 62 -24.85 -20.65 -10.88
C ASP C 62 -25.28 -22.10 -10.88
N ARG C 63 -24.32 -23.03 -10.96
CA ARG C 63 -24.56 -24.45 -11.11
C ARG C 63 -24.10 -25.33 -9.98
N VAL C 64 -23.42 -24.78 -9.00
CA VAL C 64 -22.91 -25.57 -7.89
C VAL C 64 -23.55 -25.10 -6.61
N ALA C 65 -23.95 -26.04 -5.75
CA ALA C 65 -24.45 -25.70 -4.43
C ALA C 65 -23.40 -26.30 -3.51
N PRO C 66 -22.69 -25.48 -2.72
CA PRO C 66 -21.68 -26.06 -1.83
C PRO C 66 -22.29 -27.08 -0.87
N GLY C 67 -21.54 -28.12 -0.58
CA GLY C 67 -21.99 -29.16 0.31
C GLY C 67 -22.91 -30.16 -0.39
N PRO C 68 -23.51 -31.06 0.39
CA PRO C 68 -23.46 -31.18 1.87
C PRO C 68 -22.05 -31.50 2.40
N GLY C 69 -21.70 -30.91 3.53
CA GLY C 69 -20.40 -31.09 4.17
C GLY C 69 -19.26 -30.69 3.25
N LEU C 70 -18.28 -31.59 3.05
CA LEU C 70 -17.13 -31.30 2.17
C LEU C 70 -17.40 -31.73 0.71
N GLY C 71 -18.62 -32.17 0.42
CA GLY C 71 -19.05 -32.54 -0.92
C GLY C 71 -19.55 -31.35 -1.71
N LEU C 72 -19.97 -31.61 -2.94
CA LEU C 72 -20.41 -30.55 -3.83
C LEU C 72 -21.61 -31.05 -4.62
N THR C 73 -22.65 -30.24 -4.75
CA THR C 73 -23.80 -30.64 -5.55
C THR C 73 -23.70 -29.94 -6.88
N LEU C 74 -23.63 -30.70 -7.99
CA LEU C 74 -23.53 -30.10 -9.32
C LEU C 74 -24.92 -30.21 -9.92
N GLN C 75 -25.50 -29.06 -10.33
CA GLN C 75 -26.87 -28.99 -10.82
C GLN C 75 -26.93 -28.80 -12.32
N SER C 76 -28.12 -28.96 -12.89
CA SER C 76 -28.36 -28.72 -14.32
C SER C 76 -27.33 -29.44 -15.17
N LEU C 77 -27.19 -30.76 -14.95
CA LEU C 77 -26.16 -31.52 -15.64
C LEU C 77 -26.36 -31.55 -17.13
N THR C 78 -25.25 -31.51 -17.88
CA THR C 78 -25.26 -31.68 -19.35
C THR C 78 -24.25 -32.76 -19.70
N VAL C 79 -24.25 -33.23 -20.96
CA VAL C 79 -23.29 -34.25 -21.40
C VAL C 79 -21.84 -33.77 -21.30
N ASN C 80 -21.62 -32.45 -21.36
CA ASN C 80 -20.27 -31.88 -21.21
C ASN C 80 -19.74 -32.03 -19.78
N ASP C 81 -20.62 -32.39 -18.81
CA ASP C 81 -20.16 -32.66 -17.43
C ASP C 81 -19.68 -34.12 -17.29
N THR C 82 -19.85 -34.96 -18.32
CA THR C 82 -19.33 -36.31 -18.26
C THR C 82 -17.82 -36.20 -18.17
N GLY C 83 -17.20 -37.04 -17.34
CA GLY C 83 -15.77 -37.04 -17.22
C GLY C 83 -15.31 -37.21 -15.79
N GLU C 84 -14.02 -37.01 -15.55
CA GLU C 84 -13.48 -37.22 -14.23
C GLU C 84 -13.55 -35.96 -13.40
N TYR C 85 -13.68 -36.16 -12.09
CA TYR C 85 -13.67 -35.10 -11.09
C TYR C 85 -12.70 -35.53 -10.02
N PHE C 86 -12.08 -34.58 -9.36
CA PHE C 86 -11.15 -34.88 -8.30
C PHE C 86 -11.51 -34.15 -7.08
N CYS C 87 -11.36 -34.80 -5.91
CA CYS C 87 -11.43 -34.14 -4.64
C CYS C 87 -10.02 -34.18 -4.06
N ILE C 88 -9.44 -33.02 -3.74
CA ILE C 88 -8.09 -32.91 -3.20
C ILE C 88 -8.18 -32.47 -1.76
N TYR C 89 -7.95 -33.39 -0.84
CA TYR C 89 -7.98 -33.13 0.59
C TYR C 89 -6.61 -32.71 1.03
N HIS C 90 -6.53 -31.62 1.81
CA HIS C 90 -5.29 -31.16 2.42
C HIS C 90 -5.45 -31.45 3.91
N THR C 91 -4.44 -32.08 4.51
CA THR C 91 -4.51 -32.44 5.93
C THR C 91 -3.35 -31.85 6.66
N TYR C 92 -3.59 -31.42 7.89
CA TYR C 92 -2.52 -30.78 8.67
C TYR C 92 -1.47 -31.82 9.09
N PRO C 93 -0.17 -31.51 9.08
CA PRO C 93 0.44 -30.24 8.71
C PRO C 93 0.68 -29.99 7.24
N ASP C 94 0.87 -31.04 6.43
CA ASP C 94 1.32 -30.86 5.03
C ASP C 94 0.92 -31.98 4.11
N GLY C 95 -0.18 -32.67 4.44
CA GLY C 95 -0.60 -33.82 3.65
C GLY C 95 -1.58 -33.49 2.55
N THR C 96 -1.59 -34.34 1.52
CA THR C 96 -2.53 -34.26 0.41
C THR C 96 -3.07 -35.68 0.15
N TYR C 97 -4.38 -35.83 -0.01
CA TYR C 97 -5.01 -37.11 -0.43
C TYR C 97 -5.91 -36.74 -1.61
N THR C 98 -5.86 -37.52 -2.71
CA THR C 98 -6.66 -37.21 -3.90
C THR C 98 -7.57 -38.37 -4.24
N GLY C 99 -8.85 -38.07 -4.44
CA GLY C 99 -9.87 -39.03 -4.83
C GLY C 99 -10.34 -38.66 -6.22
N ARG C 100 -10.83 -39.66 -6.96
CA ARG C 100 -11.31 -39.48 -8.31
C ARG C 100 -12.67 -40.07 -8.46
N ILE C 101 -13.54 -39.35 -9.17
CA ILE C 101 -14.89 -39.82 -9.48
C ILE C 101 -15.07 -39.73 -10.98
N PHE C 102 -15.68 -40.70 -11.63
CA PHE C 102 -15.97 -40.58 -13.06
C PHE C 102 -17.48 -40.51 -13.20
N LEU C 103 -17.98 -39.44 -13.80
CA LEU C 103 -19.41 -39.23 -13.96
C LEU C 103 -19.81 -39.42 -15.39
N GLU C 104 -20.87 -40.20 -15.64
CA GLU C 104 -21.42 -40.30 -16.98
C GLU C 104 -22.81 -39.64 -16.92
N VAL C 105 -23.05 -38.60 -17.72
CA VAL C 105 -24.37 -37.96 -17.78
C VAL C 105 -25.13 -38.64 -18.92
N LEU C 106 -26.32 -39.18 -18.63
CA LEU C 106 -27.15 -39.91 -19.59
C LEU C 106 -28.31 -39.04 -20.06
N GLU C 107 -28.70 -39.17 -21.35
CA GLU C 107 -29.79 -38.34 -21.93
C GLU C 107 -31.16 -38.69 -21.34
N SER C 108 -32.11 -37.72 -21.41
CA SER C 108 -33.47 -37.87 -20.89
C1 GOL D . 10.56 12.36 -6.34
O1 GOL D . 10.98 11.07 -6.79
C2 GOL D . 11.18 13.47 -7.16
O2 GOL D . 12.60 13.53 -6.94
C3 GOL D . 10.56 14.77 -6.72
O3 GOL D . 10.82 15.01 -5.34
C1 GOL E . 8.61 18.21 5.16
O1 GOL E . 7.33 18.02 4.54
C2 GOL E . 8.49 17.99 6.66
O2 GOL E . 7.60 18.96 7.20
C3 GOL E . 9.83 18.06 7.36
O3 GOL E . 10.53 19.27 7.01
#